data_3W1E
#
_entry.id   3W1E
#
_cell.length_a   49.850
_cell.length_b   34.150
_cell.length_c   112.360
_cell.angle_alpha   90.00
_cell.angle_beta   102.43
_cell.angle_gamma   90.00
#
_symmetry.space_group_name_H-M   'P 1 21 1'
#
loop_
_entity.id
_entity.type
_entity.pdbx_description
1 polymer 'Flagella basal-body protein'
2 water water
#
_entity_poly.entity_id   1
_entity_poly.type   'polypeptide(L)'
_entity_poly.pdbx_seq_one_letter_code
;SWYEVTGVATIVSSEETARLHALEDALFKAVNFSGADIGSISNL(MSE)PLLEESRNEYQFTNHEVRYILVESERKRRGK
VEVKIRVDIYPSATGCHTDQYKKTILVGNIEVASPQQAV(MSE)GQIYQVGDDFSRVVNRQLDQTSRSFVSVGTTDYSIS
SNYPARTQ(MSE)IAQDNGAQYIIGGVITDLTATVESQLLQDDIINRQFALE(MSE)KVFDGKTGHEVFNKAYREVARWP
FAKTSQVDTRSARFWASTYGE(MSE)(MSE)LRVSRNI(MSE)LDLESELSCKITLPEVVAVFGNTVT(MSE)DLGR
(MSE)HGVKEGDKLQLWHTASFIDQNGLPRNKVSQSEITLTVSRIYEHEAELTIDQPNLASSVQIGDV(MSE)NKILHHH
HHH
;
_entity_poly.pdbx_strand_id   A
#
# COMPACT_ATOMS: atom_id res chain seq x y z
N SER A 1 -11.73 -6.35 14.17
CA SER A 1 -12.50 -5.85 13.00
C SER A 1 -13.24 -7.01 12.36
N TRP A 2 -14.48 -6.76 11.95
CA TRP A 2 -15.32 -7.78 11.36
C TRP A 2 -15.21 -8.03 9.87
N TYR A 3 -15.30 -9.30 9.51
CA TYR A 3 -15.24 -9.73 8.12
C TYR A 3 -16.40 -10.70 7.91
N GLU A 4 -17.10 -10.55 6.79
CA GLU A 4 -18.18 -11.45 6.47
C GLU A 4 -17.73 -12.23 5.24
N VAL A 5 -17.62 -13.54 5.37
CA VAL A 5 -17.16 -14.39 4.28
C VAL A 5 -18.01 -15.62 4.06
N THR A 6 -17.88 -16.21 2.86
CA THR A 6 -18.62 -17.41 2.50
C THR A 6 -17.66 -18.50 2.05
N GLY A 7 -18.10 -19.75 2.16
CA GLY A 7 -17.26 -20.86 1.76
C GLY A 7 -18.12 -21.96 1.18
N VAL A 8 -17.52 -22.86 0.42
CA VAL A 8 -18.27 -23.96 -0.18
C VAL A 8 -17.35 -25.17 -0.27
N ALA A 9 -17.92 -26.36 -0.12
CA ALA A 9 -17.16 -27.59 -0.20
C ALA A 9 -18.06 -28.74 -0.61
N THR A 10 -17.62 -29.48 -1.62
CA THR A 10 -18.37 -30.61 -2.14
C THR A 10 -18.54 -31.70 -1.09
N ILE A 11 -19.75 -32.26 -1.04
CA ILE A 11 -20.06 -33.34 -0.11
C ILE A 11 -19.68 -34.62 -0.80
N VAL A 12 -18.65 -35.29 -0.29
CA VAL A 12 -18.24 -36.56 -0.89
C VAL A 12 -18.79 -37.67 -0.03
N SER A 13 -18.13 -37.98 1.09
CA SER A 13 -18.60 -39.06 1.97
C SER A 13 -19.29 -38.54 3.22
N SER A 14 -19.02 -37.29 3.60
CA SER A 14 -19.56 -36.73 4.82
C SER A 14 -19.97 -35.26 4.77
N GLU A 15 -21.20 -34.97 5.18
CA GLU A 15 -21.66 -33.59 5.20
C GLU A 15 -20.87 -32.82 6.26
N GLU A 16 -20.46 -33.52 7.32
CA GLU A 16 -19.70 -32.89 8.41
C GLU A 16 -18.30 -32.43 7.99
N THR A 17 -17.59 -33.25 7.21
CA THR A 17 -16.25 -32.85 6.78
C THR A 17 -16.40 -31.78 5.70
N ALA A 18 -17.49 -31.85 4.93
CA ALA A 18 -17.74 -30.84 3.90
C ALA A 18 -17.95 -29.50 4.61
N ARG A 19 -18.71 -29.52 5.71
N ARG A 19 -18.72 -29.52 5.70
CA ARG A 19 -18.98 -28.30 6.47
CA ARG A 19 -18.98 -28.29 6.47
C ARG A 19 -17.66 -27.70 6.98
C ARG A 19 -17.68 -27.70 6.98
N LEU A 20 -16.79 -28.54 7.50
CA LEU A 20 -15.51 -28.06 8.03
C LEU A 20 -14.68 -27.47 6.91
N HIS A 21 -14.69 -28.08 5.73
CA HIS A 21 -13.88 -27.49 4.67
C HIS A 21 -14.44 -26.17 4.13
N ALA A 22 -15.75 -26.02 4.12
CA ALA A 22 -16.36 -24.77 3.66
C ALA A 22 -16.02 -23.68 4.68
N LEU A 23 -16.05 -24.04 5.96
CA LEU A 23 -15.72 -23.08 7.00
C LEU A 23 -14.27 -22.64 6.87
N GLU A 24 -13.40 -23.58 6.54
CA GLU A 24 -11.98 -23.30 6.37
C GLU A 24 -11.77 -22.43 5.15
N ASP A 25 -12.55 -22.70 4.11
CA ASP A 25 -12.48 -21.95 2.85
C ASP A 25 -12.79 -20.48 3.17
N ALA A 26 -13.89 -20.26 3.89
CA ALA A 26 -14.30 -18.92 4.28
C ALA A 26 -13.28 -18.22 5.21
N LEU A 27 -12.87 -18.92 6.26
CA LEU A 27 -11.89 -18.35 7.20
C LEU A 27 -10.62 -17.91 6.49
N PHE A 28 -10.13 -18.73 5.57
CA PHE A 28 -8.92 -18.38 4.84
C PHE A 28 -9.07 -17.00 4.20
N LYS A 29 -10.20 -16.77 3.54
CA LYS A 29 -10.47 -15.48 2.89
C LYS A 29 -10.34 -14.30 3.86
N ALA A 30 -10.99 -14.41 5.02
CA ALA A 30 -10.96 -13.36 6.03
C ALA A 30 -9.57 -13.20 6.64
N VAL A 31 -8.98 -14.29 7.08
CA VAL A 31 -7.64 -14.23 7.66
C VAL A 31 -6.65 -13.64 6.65
N ASN A 32 -6.69 -14.12 5.42
CA ASN A 32 -5.76 -13.60 4.41
C ASN A 32 -5.90 -12.09 4.23
N PHE A 33 -7.13 -11.64 4.00
CA PHE A 33 -7.42 -10.22 3.77
C PHE A 33 -7.05 -9.32 4.95
N SER A 34 -7.36 -9.78 6.16
CA SER A 34 -7.10 -9.03 7.37
C SER A 34 -5.62 -8.81 7.67
N GLY A 35 -4.75 -9.67 7.13
CA GLY A 35 -3.34 -9.56 7.41
C GLY A 35 -2.92 -10.50 8.53
N ALA A 36 -3.83 -11.35 8.98
CA ALA A 36 -3.53 -12.33 10.03
C ALA A 36 -2.79 -13.53 9.43
N ASP A 37 -2.36 -14.47 10.27
CA ASP A 37 -1.61 -15.64 9.82
C ASP A 37 -2.46 -16.81 9.33
N ILE A 38 -2.47 -17.06 8.02
CA ILE A 38 -3.25 -18.16 7.47
C ILE A 38 -2.74 -19.52 8.00
N GLY A 39 -1.48 -19.57 8.39
CA GLY A 39 -0.92 -20.81 8.91
C GLY A 39 -1.51 -21.23 10.24
N SER A 40 -2.11 -20.30 10.96
CA SER A 40 -2.70 -20.58 12.27
C SER A 40 -4.13 -21.12 12.18
N ILE A 41 -4.68 -21.16 10.96
CA ILE A 41 -6.05 -21.63 10.79
C ILE A 41 -6.24 -23.09 11.20
N SER A 42 -5.28 -23.93 10.82
CA SER A 42 -5.38 -25.35 11.14
C SER A 42 -5.55 -25.59 12.63
N ASN A 43 -4.94 -24.73 13.45
CA ASN A 43 -5.05 -24.86 14.90
C ASN A 43 -6.46 -24.57 15.43
N LEU A 44 -7.30 -23.92 14.62
CA LEU A 44 -8.66 -23.57 15.03
C LEU A 44 -9.71 -24.62 14.65
N PRO A 46 -10.20 -27.93 14.72
CA PRO A 46 -10.74 -28.93 15.64
C PRO A 46 -11.85 -28.36 16.55
N LEU A 47 -11.72 -27.08 16.90
CA LEU A 47 -12.70 -26.44 17.77
C LEU A 47 -14.04 -26.17 17.06
N LEU A 48 -14.04 -26.23 15.73
CA LEU A 48 -15.26 -25.97 14.98
C LEU A 48 -16.03 -27.26 14.75
N GLU A 49 -15.48 -28.37 15.20
CA GLU A 49 -16.16 -29.65 15.01
C GLU A 49 -17.54 -29.73 15.64
N GLU A 50 -17.69 -29.15 16.83
CA GLU A 50 -19.02 -29.12 17.44
C GLU A 50 -19.75 -27.99 16.76
N SER A 51 -20.92 -28.34 16.20
CA SER A 51 -21.76 -27.36 15.50
C SER A 51 -22.39 -26.32 16.45
N ARG A 52 -22.08 -25.05 16.21
CA ARG A 52 -22.66 -23.99 17.04
C ARG A 52 -23.00 -22.74 16.25
N ASN A 53 -23.75 -21.83 16.86
CA ASN A 53 -24.11 -20.58 16.21
C ASN A 53 -22.92 -19.64 16.27
N GLU A 54 -22.23 -19.62 17.40
CA GLU A 54 -21.08 -18.74 17.57
C GLU A 54 -19.94 -19.42 18.33
N TYR A 55 -18.72 -18.96 18.04
CA TYR A 55 -17.51 -19.50 18.67
C TYR A 55 -16.62 -18.35 19.16
N GLN A 56 -15.89 -18.61 20.24
CA GLN A 56 -14.97 -17.64 20.82
C GLN A 56 -13.62 -18.35 21.02
N PHE A 57 -12.53 -17.65 20.73
CA PHE A 57 -11.19 -18.25 20.84
C PHE A 57 -10.23 -17.37 21.60
N THR A 58 -9.24 -17.99 22.23
CA THR A 58 -8.22 -17.27 22.98
C THR A 58 -6.85 -17.57 22.35
N ASN A 59 -5.89 -16.69 22.59
CA ASN A 59 -4.54 -16.86 22.06
C ASN A 59 -4.56 -17.10 20.56
N HIS A 60 -5.37 -16.34 19.83
CA HIS A 60 -5.44 -16.49 18.39
C HIS A 60 -5.90 -15.17 17.74
N GLU A 61 -5.45 -14.92 16.52
CA GLU A 61 -5.85 -13.69 15.85
C GLU A 61 -7.35 -13.69 15.59
N VAL A 62 -7.93 -14.87 15.45
CA VAL A 62 -9.38 -14.97 15.25
C VAL A 62 -10.00 -14.97 16.65
N ARG A 63 -10.85 -13.99 16.92
CA ARG A 63 -11.46 -13.86 18.22
C ARG A 63 -12.87 -14.45 18.32
N TYR A 64 -13.68 -14.20 17.30
CA TYR A 64 -15.06 -14.66 17.28
C TYR A 64 -15.53 -15.09 15.90
N ILE A 65 -16.36 -16.12 15.87
CA ILE A 65 -16.94 -16.58 14.62
C ILE A 65 -18.43 -16.73 14.86
N LEU A 66 -19.21 -16.06 14.01
CA LEU A 66 -20.66 -16.14 14.09
C LEU A 66 -21.13 -16.76 12.78
N VAL A 67 -21.75 -17.93 12.87
CA VAL A 67 -22.25 -18.58 11.67
C VAL A 67 -23.62 -18.04 11.34
N GLU A 68 -23.77 -17.39 10.19
CA GLU A 68 -25.08 -16.87 9.81
C GLU A 68 -25.91 -17.96 9.16
N SER A 69 -25.31 -18.66 8.19
CA SER A 69 -26.01 -19.72 7.48
C SER A 69 -25.10 -20.86 7.06
N GLU A 70 -25.66 -22.05 7.03
CA GLU A 70 -24.97 -23.26 6.61
C GLU A 70 -26.06 -24.11 5.97
N ARG A 71 -25.89 -24.43 4.68
CA ARG A 71 -26.87 -25.21 3.94
C ARG A 71 -26.25 -26.16 2.95
N LYS A 72 -27.06 -27.12 2.51
CA LYS A 72 -26.66 -28.08 1.49
C LYS A 72 -27.17 -27.46 0.19
N ARG A 73 -26.28 -27.30 -0.78
CA ARG A 73 -26.65 -26.70 -2.06
C ARG A 73 -25.97 -27.47 -3.18
N ARG A 74 -26.77 -28.07 -4.05
CA ARG A 74 -26.29 -28.84 -5.18
C ARG A 74 -25.11 -29.76 -4.82
N GLY A 75 -25.33 -30.66 -3.87
CA GLY A 75 -24.29 -31.60 -3.46
C GLY A 75 -23.10 -30.99 -2.73
N LYS A 76 -23.26 -29.75 -2.27
CA LYS A 76 -22.19 -29.07 -1.57
C LYS A 76 -22.71 -28.44 -0.29
N VAL A 77 -21.79 -28.10 0.62
CA VAL A 77 -22.17 -27.43 1.84
C VAL A 77 -21.68 -26.00 1.65
N GLU A 78 -22.58 -25.04 1.84
CA GLU A 78 -22.23 -23.63 1.72
C GLU A 78 -22.37 -23.02 3.11
N VAL A 79 -21.45 -22.13 3.47
CA VAL A 79 -21.54 -21.46 4.76
C VAL A 79 -21.32 -19.96 4.59
N LYS A 80 -21.87 -19.18 5.52
CA LYS A 80 -21.70 -17.74 5.52
C LYS A 80 -21.44 -17.41 6.98
N ILE A 81 -20.31 -16.76 7.25
CA ILE A 81 -19.96 -16.45 8.62
C ILE A 81 -19.46 -15.02 8.76
N ARG A 82 -19.46 -14.55 10.01
CA ARG A 82 -18.98 -13.21 10.37
C ARG A 82 -17.79 -13.52 11.29
N VAL A 83 -16.62 -12.96 11.00
CA VAL A 83 -15.43 -13.22 11.81
C VAL A 83 -14.78 -11.96 12.35
N ASP A 84 -14.47 -11.96 13.64
CA ASP A 84 -13.81 -10.82 14.28
C ASP A 84 -12.33 -11.20 14.44
N ILE A 85 -11.49 -10.45 13.76
CA ILE A 85 -10.05 -10.71 13.72
C ILE A 85 -9.20 -9.53 14.20
N TYR A 86 -8.13 -9.85 14.93
CA TYR A 86 -7.22 -8.84 15.46
C TYR A 86 -5.81 -9.30 15.07
N PRO A 87 -5.37 -8.94 13.86
CA PRO A 87 -4.04 -9.34 13.40
C PRO A 87 -2.89 -8.89 14.30
N SER A 88 -1.87 -9.75 14.42
CA SER A 88 -0.72 -9.42 15.25
C SER A 88 -0.01 -8.22 14.68
N ALA A 89 0.64 -7.46 15.56
CA ALA A 89 1.38 -6.28 15.13
C ALA A 89 2.58 -6.77 14.31
N THR A 90 2.72 -8.10 14.24
CA THR A 90 3.81 -8.73 13.49
C THR A 90 3.33 -9.25 12.13
N GLY A 91 2.04 -9.08 11.86
CA GLY A 91 1.49 -9.54 10.59
C GLY A 91 2.08 -8.79 9.42
N CYS A 92 2.05 -9.40 8.24
CA CYS A 92 2.59 -8.77 7.04
C CYS A 92 1.85 -9.25 5.80
N HIS A 93 1.24 -8.32 5.07
CA HIS A 93 0.53 -8.67 3.83
C HIS A 93 1.58 -9.11 2.82
N THR A 94 1.40 -10.31 2.28
CA THR A 94 2.35 -10.88 1.32
C THR A 94 1.89 -10.92 -0.13
N ASP A 95 2.85 -11.00 -1.04
CA ASP A 95 2.60 -11.06 -2.46
C ASP A 95 1.55 -10.03 -2.88
N GLN A 96 1.81 -8.78 -2.54
CA GLN A 96 0.90 -7.69 -2.87
C GLN A 96 1.32 -7.03 -4.17
N TYR A 97 0.38 -6.39 -4.85
CA TYR A 97 0.74 -5.69 -6.08
C TYR A 97 1.54 -4.50 -5.55
N LYS A 98 2.30 -3.85 -6.41
CA LYS A 98 3.10 -2.72 -5.98
C LYS A 98 2.22 -1.53 -5.64
N LYS A 99 2.70 -0.68 -4.74
CA LYS A 99 1.97 0.51 -4.33
C LYS A 99 2.41 1.69 -5.18
N THR A 100 1.45 2.52 -5.57
CA THR A 100 1.75 3.70 -6.37
C THR A 100 2.08 4.86 -5.45
N ILE A 101 3.23 5.48 -5.70
CA ILE A 101 3.69 6.61 -4.91
C ILE A 101 3.88 7.82 -5.82
N LEU A 102 3.51 8.99 -5.32
CA LEU A 102 3.67 10.24 -6.05
C LEU A 102 4.72 11.02 -5.25
N VAL A 103 5.69 11.60 -5.95
CA VAL A 103 6.75 12.34 -5.28
C VAL A 103 6.51 13.85 -5.41
N GLY A 104 6.28 14.50 -4.29
CA GLY A 104 6.07 15.94 -4.31
C GLY A 104 7.41 16.59 -4.56
N ASN A 105 7.41 17.79 -5.11
CA ASN A 105 8.66 18.47 -5.37
C ASN A 105 9.23 18.98 -4.05
N ILE A 106 10.48 18.59 -3.78
CA ILE A 106 11.14 18.99 -2.55
C ILE A 106 11.52 20.46 -2.57
N GLU A 107 11.08 21.18 -1.54
CA GLU A 107 11.33 22.60 -1.42
C GLU A 107 12.59 22.92 -0.61
N VAL A 108 13.14 24.10 -0.86
CA VAL A 108 14.32 24.56 -0.13
C VAL A 108 13.77 25.62 0.84
N ALA A 109 13.77 25.29 2.13
CA ALA A 109 13.25 26.18 3.16
C ALA A 109 13.88 27.58 3.12
N SER A 110 15.20 27.63 3.00
CA SER A 110 15.92 28.91 2.96
C SER A 110 16.78 29.05 1.70
N PRO A 111 16.19 29.56 0.61
CA PRO A 111 16.85 29.76 -0.68
C PRO A 111 18.26 30.37 -0.65
N GLN A 112 18.48 31.29 0.29
CA GLN A 112 19.79 31.92 0.39
C GLN A 112 20.92 30.94 0.68
N GLN A 113 20.58 29.78 1.23
CA GLN A 113 21.61 28.80 1.54
C GLN A 113 22.09 28.12 0.26
N ALA A 114 21.36 28.36 -0.83
CA ALA A 114 21.69 27.77 -2.12
C ALA A 114 22.51 28.74 -2.98
N VAL A 115 22.87 29.88 -2.41
CA VAL A 115 23.63 30.89 -3.14
C VAL A 115 24.88 30.28 -3.76
N GLY A 117 27.08 28.17 -5.74
CA GLY A 117 26.80 27.24 -6.83
C GLY A 117 25.47 27.55 -7.48
N GLN A 118 24.70 28.44 -6.87
CA GLN A 118 23.37 28.82 -7.37
C GLN A 118 22.54 27.57 -7.65
N ILE A 119 22.47 26.69 -6.66
CA ILE A 119 21.72 25.45 -6.80
C ILE A 119 20.28 25.57 -6.29
N TYR A 120 19.60 26.63 -6.69
CA TYR A 120 18.22 26.86 -6.26
C TYR A 120 17.23 25.78 -6.68
N GLN A 121 17.60 25.00 -7.70
CA GLN A 121 16.74 23.93 -8.21
C GLN A 121 17.10 22.56 -7.66
N VAL A 122 18.03 22.50 -6.74
CA VAL A 122 18.46 21.22 -6.18
C VAL A 122 17.29 20.40 -5.64
N GLY A 123 16.29 21.07 -5.07
CA GLY A 123 15.13 20.36 -4.54
C GLY A 123 14.38 19.64 -5.65
N ASP A 124 14.10 20.35 -6.73
CA ASP A 124 13.39 19.76 -7.85
C ASP A 124 14.16 18.58 -8.43
N ASP A 125 15.45 18.78 -8.62
CA ASP A 125 16.29 17.73 -9.19
C ASP A 125 16.41 16.52 -8.28
N PHE A 126 16.45 16.75 -6.97
CA PHE A 126 16.52 15.64 -6.05
C PHE A 126 15.23 14.83 -6.14
N SER A 127 14.09 15.51 -6.28
CA SER A 127 12.81 14.81 -6.38
C SER A 127 12.81 13.92 -7.62
N ARG A 128 13.42 14.40 -8.70
CA ARG A 128 13.52 13.60 -9.92
C ARG A 128 14.31 12.34 -9.61
N VAL A 129 15.39 12.48 -8.86
CA VAL A 129 16.23 11.35 -8.48
C VAL A 129 15.47 10.38 -7.60
N VAL A 130 14.76 10.91 -6.60
CA VAL A 130 13.99 10.07 -5.68
C VAL A 130 12.96 9.28 -6.47
N ASN A 131 12.36 9.97 -7.43
CA ASN A 131 11.34 9.36 -8.29
C ASN A 131 11.91 8.17 -9.05
N ARG A 132 13.04 8.42 -9.68
CA ARG A 132 13.74 7.39 -10.44
C ARG A 132 14.17 6.22 -9.54
N GLN A 133 14.63 6.57 -8.35
CA GLN A 133 15.09 5.58 -7.37
C GLN A 133 13.95 4.60 -7.05
N LEU A 134 12.78 5.17 -6.74
CA LEU A 134 11.62 4.35 -6.39
C LEU A 134 11.15 3.47 -7.53
N ASP A 135 11.08 4.04 -8.73
CA ASP A 135 10.60 3.30 -9.88
C ASP A 135 11.52 2.19 -10.31
N GLN A 136 12.79 2.49 -10.51
CA GLN A 136 13.65 1.40 -10.94
C GLN A 136 14.48 0.57 -9.94
N THR A 137 14.41 0.89 -8.66
CA THR A 137 15.17 0.14 -7.71
C THR A 137 14.42 -0.29 -6.48
N SER A 138 13.18 0.14 -6.32
CA SER A 138 12.45 -0.28 -5.13
C SER A 138 11.87 -1.67 -5.36
N ARG A 139 11.33 -2.26 -4.32
CA ARG A 139 10.75 -3.60 -4.40
C ARG A 139 9.23 -3.58 -4.39
N SER A 140 8.66 -2.57 -3.75
CA SER A 140 7.21 -2.49 -3.62
C SER A 140 6.54 -1.25 -4.18
N PHE A 141 7.30 -0.39 -4.86
CA PHE A 141 6.71 0.85 -5.35
C PHE A 141 6.79 1.13 -6.84
N VAL A 142 5.82 1.93 -7.29
CA VAL A 142 5.72 2.38 -8.66
C VAL A 142 5.54 3.90 -8.54
N SER A 143 6.52 4.65 -9.03
CA SER A 143 6.45 6.09 -8.95
C SER A 143 5.77 6.68 -10.19
N VAL A 144 4.69 7.42 -9.99
CA VAL A 144 3.98 8.02 -11.11
C VAL A 144 4.38 9.44 -11.46
N GLY A 145 5.57 9.85 -11.07
CA GLY A 145 6.04 11.18 -11.41
C GLY A 145 6.12 12.20 -10.29
N THR A 146 6.68 13.36 -10.62
CA THR A 146 6.83 14.45 -9.65
C THR A 146 5.77 15.52 -9.85
N THR A 147 5.64 16.40 -8.87
CA THR A 147 4.67 17.49 -8.93
C THR A 147 4.82 18.33 -7.67
N ASP A 148 4.42 19.60 -7.76
CA ASP A 148 4.53 20.49 -6.62
C ASP A 148 3.66 20.00 -5.48
N TYR A 149 4.26 19.88 -4.30
CA TYR A 149 3.54 19.44 -3.11
C TYR A 149 4.28 19.93 -1.88
N SER A 150 3.65 20.86 -1.16
CA SER A 150 4.25 21.43 0.03
C SER A 150 3.85 20.70 1.31
N ILE A 151 4.78 20.61 2.24
CA ILE A 151 4.50 19.99 3.53
C ILE A 151 4.49 21.15 4.52
N SER A 152 4.77 22.35 4.03
CA SER A 152 4.77 23.55 4.87
C SER A 152 3.29 23.94 4.99
N SER A 153 2.62 23.98 3.85
CA SER A 153 1.20 24.31 3.80
C SER A 153 0.53 23.01 3.40
N ASN A 154 0.18 22.20 4.39
CA ASN A 154 -0.42 20.90 4.13
C ASN A 154 -1.79 20.77 4.77
N TYR A 155 -2.76 20.29 3.99
CA TYR A 155 -4.14 20.08 4.44
C TYR A 155 -4.55 18.68 3.94
N PRO A 156 -5.02 17.82 4.85
CA PRO A 156 -5.44 16.46 4.49
C PRO A 156 -6.37 16.38 3.27
N ALA A 157 -7.25 17.36 3.13
CA ALA A 157 -8.19 17.39 2.01
C ALA A 157 -7.48 17.66 0.69
N ARG A 158 -6.51 18.56 0.71
CA ARG A 158 -5.76 18.89 -0.49
C ARG A 158 -4.99 17.64 -0.91
N THR A 159 -4.39 16.99 0.08
CA THR A 159 -3.60 15.78 -0.14
C THR A 159 -4.48 14.68 -0.76
N GLN A 160 -5.66 14.47 -0.18
CA GLN A 160 -6.58 13.47 -0.69
C GLN A 160 -6.90 13.70 -2.16
N ILE A 162 -5.04 15.41 -4.46
CA ILE A 162 -3.85 15.20 -5.27
C ILE A 162 -3.65 13.70 -5.53
N ALA A 163 -3.76 12.91 -4.46
CA ALA A 163 -3.59 11.47 -4.57
C ALA A 163 -4.63 10.85 -5.48
N GLN A 164 -5.89 11.25 -5.31
CA GLN A 164 -6.97 10.71 -6.13
C GLN A 164 -6.76 10.96 -7.61
N ASP A 165 -6.38 12.18 -7.96
CA ASP A 165 -6.15 12.53 -9.35
C ASP A 165 -5.00 11.75 -10.00
N ASN A 166 -4.06 11.27 -9.18
CA ASN A 166 -2.94 10.52 -9.70
C ASN A 166 -3.02 9.06 -9.30
N GLY A 167 -4.11 8.68 -8.66
CA GLY A 167 -4.31 7.30 -8.23
C GLY A 167 -3.16 6.76 -7.41
N ALA A 168 -2.63 7.57 -6.50
CA ALA A 168 -1.52 7.13 -5.65
C ALA A 168 -2.01 6.78 -4.26
N GLN A 169 -1.46 5.72 -3.67
CA GLN A 169 -1.85 5.32 -2.32
C GLN A 169 -0.99 6.07 -1.32
N TYR A 170 0.08 6.67 -1.81
CA TYR A 170 0.99 7.43 -0.93
C TYR A 170 1.64 8.60 -1.66
N ILE A 171 1.89 9.67 -0.91
CA ILE A 171 2.54 10.85 -1.47
C ILE A 171 3.72 11.16 -0.58
N ILE A 172 4.87 11.41 -1.19
CA ILE A 172 6.04 11.76 -0.41
C ILE A 172 6.32 13.22 -0.64
N GLY A 173 6.49 13.94 0.46
CA GLY A 173 6.79 15.36 0.39
C GLY A 173 8.10 15.55 1.10
N GLY A 174 8.66 16.75 1.05
CA GLY A 174 9.91 16.97 1.73
C GLY A 174 10.37 18.41 1.66
N VAL A 175 11.31 18.76 2.53
CA VAL A 175 11.85 20.11 2.57
C VAL A 175 13.32 20.04 2.94
N ILE A 176 14.16 20.69 2.15
CA ILE A 176 15.59 20.75 2.44
C ILE A 176 15.73 21.90 3.43
N THR A 177 16.13 21.58 4.64
CA THR A 177 16.27 22.57 5.72
C THR A 177 17.67 23.14 5.94
N ASP A 178 18.67 22.60 5.26
CA ASP A 178 20.04 23.09 5.46
C ASP A 178 20.96 22.78 4.29
N LEU A 179 21.50 23.83 3.69
CA LEU A 179 22.45 23.71 2.59
C LEU A 179 23.63 24.62 2.91
N THR A 180 23.73 25.01 4.18
CA THR A 180 24.80 25.90 4.63
C THR A 180 26.14 25.20 4.55
N ALA A 181 27.20 25.99 4.46
CA ALA A 181 28.55 25.44 4.40
C ALA A 181 29.51 26.27 5.23
N THR A 182 30.56 25.62 5.69
CA THR A 182 31.59 26.30 6.47
C THR A 182 32.90 26.04 5.74
N VAL A 183 33.71 27.09 5.62
CA VAL A 183 34.98 27.01 4.93
C VAL A 183 36.11 26.69 5.92
N GLU A 184 37.03 25.83 5.50
CA GLU A 184 38.17 25.46 6.35
C GLU A 184 39.49 25.53 5.58
N SER A 185 40.60 25.50 6.33
CA SER A 185 41.93 25.60 5.73
C SER A 185 42.89 24.49 6.16
N GLN A 186 42.99 23.43 5.38
CA GLN A 186 43.91 22.34 5.72
C GLN A 186 45.35 22.70 5.40
N LEU A 187 45.64 22.84 4.10
CA LEU A 187 46.98 23.16 3.63
C LEU A 187 47.08 24.57 3.05
N LEU A 188 45.97 25.05 2.49
CA LEU A 188 45.92 26.38 1.92
C LEU A 188 44.68 27.11 2.44
N GLN A 189 44.71 28.42 2.41
CA GLN A 189 43.59 29.20 2.90
C GLN A 189 42.27 28.89 2.20
N ASP A 190 41.26 28.54 3.00
CA ASP A 190 39.92 28.23 2.50
C ASP A 190 39.93 27.16 1.40
N ASP A 191 40.77 26.14 1.55
CA ASP A 191 40.87 25.09 0.54
C ASP A 191 39.79 24.02 0.64
N ILE A 192 39.07 23.99 1.76
CA ILE A 192 38.02 22.99 1.91
C ILE A 192 36.69 23.59 2.34
N ILE A 193 35.63 23.15 1.67
CA ILE A 193 34.29 23.61 1.97
C ILE A 193 33.42 22.40 2.27
N ASN A 194 32.87 22.35 3.48
CA ASN A 194 32.01 21.26 3.87
C ASN A 194 30.58 21.77 3.88
N ARG A 195 29.74 21.18 3.05
CA ARG A 195 28.36 21.64 2.94
C ARG A 195 27.35 20.63 3.49
N GLN A 196 26.37 21.17 4.22
CA GLN A 196 25.32 20.35 4.80
C GLN A 196 24.25 19.99 3.78
N PHE A 197 23.45 19.01 4.16
CA PHE A 197 22.31 18.59 3.36
C PHE A 197 21.40 17.97 4.40
N ALA A 198 20.40 18.74 4.82
CA ALA A 198 19.43 18.28 5.81
C ALA A 198 18.10 18.20 5.08
N LEU A 199 17.39 17.09 5.27
CA LEU A 199 16.12 16.88 4.59
C LEU A 199 15.08 16.27 5.51
N GLU A 200 13.94 16.95 5.64
CA GLU A 200 12.85 16.45 6.47
C GLU A 200 11.84 15.91 5.47
N LYS A 202 8.27 13.55 4.74
CA LYS A 202 7.00 13.07 5.28
C LYS A 202 6.27 12.25 4.23
N VAL A 203 5.66 11.15 4.66
CA VAL A 203 4.91 10.31 3.74
C VAL A 203 3.46 10.35 4.19
N PHE A 204 2.58 10.67 3.25
CA PHE A 204 1.16 10.77 3.53
C PHE A 204 0.33 9.68 2.89
N ASP A 205 -0.69 9.24 3.60
CA ASP A 205 -1.59 8.21 3.10
C ASP A 205 -2.53 8.95 2.15
N GLY A 206 -2.61 8.49 0.92
CA GLY A 206 -3.47 9.14 -0.06
C GLY A 206 -4.95 9.10 0.30
N LYS A 207 -5.34 8.11 1.09
CA LYS A 207 -6.73 7.97 1.49
C LYS A 207 -7.16 8.92 2.62
N THR A 208 -6.36 9.02 3.66
CA THR A 208 -6.69 9.90 4.78
C THR A 208 -6.09 11.30 4.65
N GLY A 209 -4.98 11.39 3.94
CA GLY A 209 -4.32 12.69 3.81
C GLY A 209 -3.48 12.95 5.04
N HIS A 210 -3.44 11.96 5.92
CA HIS A 210 -2.68 12.04 7.15
C HIS A 210 -1.30 11.41 6.98
N GLU A 211 -0.31 11.97 7.67
CA GLU A 211 1.04 11.45 7.61
C GLU A 211 1.12 10.04 8.19
N VAL A 212 1.76 9.13 7.46
CA VAL A 212 1.94 7.76 7.92
C VAL A 212 3.21 7.73 8.76
N PHE A 213 4.25 8.40 8.27
CA PHE A 213 5.50 8.50 9.01
C PHE A 213 6.37 9.64 8.52
N ASN A 214 7.42 9.92 9.27
CA ASN A 214 8.32 10.99 8.91
C ASN A 214 9.74 10.62 9.32
N LYS A 215 10.69 11.26 8.69
CA LYS A 215 12.09 11.02 9.01
C LYS A 215 12.92 12.18 8.52
N ALA A 216 13.95 12.51 9.31
CA ALA A 216 14.84 13.59 8.95
C ALA A 216 16.18 12.97 8.61
N TYR A 217 16.83 13.55 7.62
CA TYR A 217 18.13 13.06 7.18
C TYR A 217 19.08 14.26 7.24
N ARG A 218 20.30 14.02 7.69
CA ARG A 218 21.28 15.08 7.72
C ARG A 218 22.62 14.44 7.42
N GLU A 219 23.32 15.04 6.48
CA GLU A 219 24.62 14.55 6.08
C GLU A 219 25.46 15.76 5.75
N VAL A 220 26.76 15.55 5.61
CA VAL A 220 27.65 16.63 5.25
C VAL A 220 28.68 16.04 4.34
N ALA A 221 29.07 16.81 3.33
CA ALA A 221 30.06 16.33 2.38
C ALA A 221 30.85 17.51 1.85
N ARG A 222 32.05 17.24 1.35
CA ARG A 222 32.85 18.31 0.79
C ARG A 222 32.20 18.82 -0.49
N TRP A 223 32.18 20.13 -0.65
CA TRP A 223 31.63 20.78 -1.84
C TRP A 223 32.85 20.83 -2.75
N PRO A 224 32.94 19.90 -3.73
CA PRO A 224 34.04 19.78 -4.68
C PRO A 224 34.17 20.83 -5.78
N PHE A 225 33.82 22.08 -5.49
CA PHE A 225 33.89 23.13 -6.49
C PHE A 225 34.39 24.42 -5.88
N ALA A 226 34.98 25.28 -6.70
CA ALA A 226 35.47 26.57 -6.21
C ALA A 226 34.19 27.27 -5.77
N LYS A 227 34.26 28.13 -4.77
CA LYS A 227 33.05 28.79 -4.29
C LYS A 227 32.40 29.71 -5.32
N THR A 228 33.15 30.13 -6.33
CA THR A 228 32.62 31.00 -7.37
C THR A 228 32.00 30.24 -8.52
N SER A 229 32.18 28.92 -8.55
CA SER A 229 31.64 28.13 -9.66
C SER A 229 30.12 27.89 -9.58
N GLN A 230 29.47 28.06 -10.72
CA GLN A 230 28.04 27.81 -10.83
C GLN A 230 27.91 26.33 -11.15
N VAL A 231 26.98 25.65 -10.48
CA VAL A 231 26.79 24.22 -10.68
C VAL A 231 25.39 23.93 -11.21
N ASP A 232 25.32 23.02 -12.18
CA ASP A 232 24.05 22.62 -12.79
C ASP A 232 23.61 21.31 -12.15
N THR A 233 22.63 21.37 -11.25
CA THR A 233 22.17 20.18 -10.56
C THR A 233 21.39 19.20 -11.44
N ARG A 234 21.30 19.51 -12.74
CA ARG A 234 20.62 18.65 -13.70
C ARG A 234 21.64 17.75 -14.39
N SER A 235 22.89 18.21 -14.43
CA SER A 235 23.98 17.49 -15.09
C SER A 235 24.55 16.25 -14.43
N ALA A 236 25.00 15.31 -15.26
CA ALA A 236 25.59 14.07 -14.79
C ALA A 236 26.86 14.40 -14.00
N ARG A 237 27.53 15.46 -14.43
CA ARG A 237 28.76 15.91 -13.79
C ARG A 237 28.54 16.16 -12.31
N PHE A 238 27.46 16.87 -11.97
CA PHE A 238 27.14 17.18 -10.58
C PHE A 238 26.84 15.94 -9.74
N TRP A 239 26.06 15.03 -10.29
CA TRP A 239 25.68 13.81 -9.59
C TRP A 239 26.82 12.83 -9.37
N ALA A 240 27.91 13.02 -10.10
CA ALA A 240 29.08 12.15 -9.97
C ALA A 240 30.04 12.76 -8.94
N SER A 241 29.78 14.00 -8.54
CA SER A 241 30.63 14.69 -7.58
C SER A 241 30.41 14.12 -6.17
N THR A 242 31.34 14.40 -5.26
CA THR A 242 31.25 13.92 -3.90
C THR A 242 29.95 14.36 -3.23
N TYR A 243 29.55 15.61 -3.42
CA TYR A 243 28.31 16.09 -2.81
C TYR A 243 27.11 15.37 -3.46
N GLY A 244 27.17 15.22 -4.78
CA GLY A 244 26.10 14.52 -5.49
C GLY A 244 25.96 13.08 -5.04
N GLU A 245 27.09 12.40 -4.84
CA GLU A 245 27.09 11.01 -4.40
C GLU A 245 26.44 10.89 -3.02
N LEU A 248 22.83 10.97 -3.37
CA LEU A 248 22.35 9.70 -3.91
C LEU A 248 22.29 8.68 -2.77
N ARG A 249 23.18 8.82 -1.78
CA ARG A 249 23.14 7.91 -0.62
C ARG A 249 21.86 8.13 0.14
N VAL A 250 21.48 9.40 0.31
CA VAL A 250 20.25 9.75 1.01
C VAL A 250 19.05 9.19 0.26
N SER A 251 19.10 9.28 -1.07
CA SER A 251 18.03 8.77 -1.92
C SER A 251 17.79 7.29 -1.64
N ARG A 252 18.88 6.52 -1.58
CA ARG A 252 18.77 5.09 -1.31
C ARG A 252 18.24 4.86 0.10
N ASN A 253 18.67 5.67 1.06
CA ASN A 253 18.20 5.50 2.43
C ASN A 253 16.70 5.79 2.52
N ILE A 254 16.22 6.74 1.72
CA ILE A 254 14.81 7.08 1.71
C ILE A 254 14.03 5.87 1.21
N LEU A 256 14.94 2.80 1.31
CA LEU A 256 14.99 1.74 2.30
C LEU A 256 14.02 2.03 3.46
N ASP A 257 13.93 3.27 3.89
CA ASP A 257 13.02 3.61 4.98
C ASP A 257 11.55 3.41 4.53
N LEU A 258 11.27 3.70 3.28
CA LEU A 258 9.92 3.52 2.75
C LEU A 258 9.55 2.04 2.73
N GLU A 259 10.47 1.23 2.24
CA GLU A 259 10.26 -0.22 2.15
C GLU A 259 10.03 -0.80 3.54
N SER A 260 10.86 -0.40 4.50
CA SER A 260 10.75 -0.90 5.85
C SER A 260 9.45 -0.47 6.52
N GLU A 261 8.97 0.72 6.16
CA GLU A 261 7.76 1.25 6.77
C GLU A 261 6.45 0.86 6.07
N LEU A 262 6.49 0.66 4.75
CA LEU A 262 5.25 0.35 4.01
C LEU A 262 5.18 -1.01 3.31
N SER A 263 6.30 -1.69 3.16
CA SER A 263 6.33 -2.97 2.47
C SER A 263 5.29 -3.99 2.93
N CYS A 264 4.99 -4.02 4.22
CA CYS A 264 4.05 -5.00 4.75
C CYS A 264 2.59 -4.56 4.75
N LYS A 265 2.33 -3.34 4.32
CA LYS A 265 0.97 -2.83 4.28
C LYS A 265 0.24 -3.43 3.09
N ILE A 266 -1.08 -3.42 3.13
CA ILE A 266 -1.85 -3.99 2.05
C ILE A 266 -1.96 -3.02 0.87
N THR A 267 -2.01 -3.57 -0.33
CA THR A 267 -2.20 -2.77 -1.53
C THR A 267 -3.63 -3.16 -1.87
N LEU A 268 -4.54 -2.20 -1.82
CA LEU A 268 -5.93 -2.51 -2.07
C LEU A 268 -6.48 -1.85 -3.32
N PRO A 269 -6.50 -2.59 -4.43
CA PRO A 269 -7.00 -2.10 -5.72
C PRO A 269 -8.47 -1.74 -5.58
N GLU A 270 -8.90 -0.68 -6.28
CA GLU A 270 -10.30 -0.31 -6.21
C GLU A 270 -10.87 -0.13 -7.62
N VAL A 271 -12.17 -0.32 -7.74
CA VAL A 271 -12.88 -0.17 -9.00
C VAL A 271 -12.87 1.32 -9.35
N VAL A 272 -12.33 1.66 -10.51
CA VAL A 272 -12.29 3.06 -10.93
C VAL A 272 -13.35 3.33 -12.00
N ALA A 273 -13.79 2.27 -12.65
CA ALA A 273 -14.82 2.39 -13.68
C ALA A 273 -15.41 1.03 -14.01
N VAL A 274 -16.68 1.05 -14.41
CA VAL A 274 -17.38 -0.18 -14.79
C VAL A 274 -18.16 0.08 -16.06
N PHE A 275 -17.99 -0.81 -17.03
CA PHE A 275 -18.68 -0.72 -18.30
C PHE A 275 -19.17 -2.12 -18.63
N GLY A 276 -20.46 -2.33 -18.46
CA GLY A 276 -21.03 -3.63 -18.72
C GLY A 276 -20.43 -4.65 -17.78
N ASN A 277 -19.80 -5.68 -18.34
CA ASN A 277 -19.21 -6.74 -17.55
C ASN A 277 -17.73 -6.51 -17.31
N THR A 278 -17.25 -5.33 -17.66
CA THR A 278 -15.83 -4.99 -17.53
C THR A 278 -15.51 -3.92 -16.49
N VAL A 279 -14.59 -4.23 -15.60
CA VAL A 279 -14.16 -3.30 -14.57
C VAL A 279 -12.73 -2.81 -14.82
N THR A 280 -12.47 -1.56 -14.48
CA THR A 280 -11.13 -0.99 -14.64
C THR A 280 -10.55 -0.68 -13.26
N ASP A 282 -6.86 0.85 -11.25
CA ASP A 282 -5.64 1.61 -11.51
C ASP A 282 -4.30 0.98 -11.15
N LEU A 283 -4.17 -0.30 -11.44
CA LEU A 283 -2.93 -1.04 -11.22
C LEU A 283 -2.72 -1.80 -12.53
N GLY A 284 -1.49 -1.82 -13.02
CA GLY A 284 -1.24 -2.52 -14.27
C GLY A 284 0.02 -3.37 -14.29
N ARG A 285 0.57 -3.55 -15.49
CA ARG A 285 1.78 -4.35 -15.66
C ARG A 285 2.89 -3.93 -14.70
N HIS A 287 2.72 -2.73 -11.86
CA HIS A 287 2.44 -3.09 -10.46
C HIS A 287 2.53 -4.58 -10.21
N GLY A 288 2.72 -5.34 -11.27
CA GLY A 288 2.82 -6.79 -11.15
C GLY A 288 1.54 -7.52 -11.52
N VAL A 289 0.59 -6.80 -12.12
CA VAL A 289 -0.67 -7.43 -12.52
C VAL A 289 -0.39 -8.29 -13.76
N LYS A 290 -0.91 -9.52 -13.75
CA LYS A 290 -0.73 -10.48 -14.86
C LYS A 290 -2.08 -10.94 -15.41
N GLU A 291 -2.14 -11.14 -16.72
CA GLU A 291 -3.36 -11.56 -17.41
C GLU A 291 -4.24 -12.63 -16.79
N GLY A 292 -3.66 -13.59 -16.08
CA GLY A 292 -4.50 -14.62 -15.50
C GLY A 292 -5.10 -14.28 -14.14
N ASP A 293 -4.48 -13.32 -13.45
CA ASP A 293 -4.90 -12.92 -12.12
C ASP A 293 -6.39 -12.94 -11.79
N LYS A 294 -6.70 -13.54 -10.65
CA LYS A 294 -8.07 -13.63 -10.16
C LYS A 294 -8.22 -12.76 -8.91
N LEU A 295 -9.27 -11.96 -8.87
CA LEU A 295 -9.48 -11.10 -7.71
C LEU A 295 -10.85 -11.21 -7.09
N GLN A 296 -10.90 -11.00 -5.79
CA GLN A 296 -12.13 -11.05 -5.01
C GLN A 296 -12.61 -9.63 -4.74
N LEU A 297 -13.89 -9.38 -4.95
CA LEU A 297 -14.46 -8.06 -4.69
C LEU A 297 -15.02 -8.01 -3.27
N TRP A 298 -14.84 -6.88 -2.60
CA TRP A 298 -15.33 -6.70 -1.24
C TRP A 298 -16.13 -5.39 -1.18
N HIS A 299 -17.07 -5.34 -0.24
CA HIS A 299 -17.91 -4.17 0.01
C HIS A 299 -17.86 -3.88 1.51
N THR A 300 -17.97 -2.62 1.90
CA THR A 300 -17.99 -2.30 3.33
C THR A 300 -19.46 -2.20 3.64
N ALA A 301 -19.89 -2.74 4.77
CA ALA A 301 -21.30 -2.68 5.14
C ALA A 301 -21.46 -2.52 6.64
N SER A 302 -22.70 -2.30 7.09
CA SER A 302 -22.99 -2.10 8.50
C SER A 302 -23.95 -3.15 9.04
N PHE A 303 -23.80 -3.48 10.32
CA PHE A 303 -24.67 -4.45 10.95
C PHE A 303 -24.73 -4.21 12.46
N ILE A 304 -25.68 -4.88 13.11
CA ILE A 304 -25.85 -4.75 14.55
C ILE A 304 -25.18 -5.96 15.18
N ASP A 305 -24.15 -5.71 15.99
CA ASP A 305 -23.43 -6.79 16.64
C ASP A 305 -24.20 -7.30 17.85
N GLN A 306 -23.58 -8.19 18.62
CA GLN A 306 -24.22 -8.75 19.80
C GLN A 306 -24.40 -7.73 20.90
N ASN A 307 -24.04 -6.49 20.60
CA ASN A 307 -24.19 -5.42 21.58
C ASN A 307 -25.43 -4.60 21.32
N GLY A 308 -25.78 -4.35 20.05
CA GLY A 308 -26.95 -3.56 19.77
C GLY A 308 -26.62 -2.25 19.07
N LEU A 309 -25.33 -2.04 18.80
CA LEU A 309 -24.87 -0.83 18.13
C LEU A 309 -24.38 -1.18 16.73
N PRO A 310 -24.50 -0.23 15.79
CA PRO A 310 -24.05 -0.45 14.39
C PRO A 310 -22.53 -0.54 14.26
N ARG A 311 -22.08 -1.57 13.55
CA ARG A 311 -20.66 -1.84 13.31
C ARG A 311 -20.41 -2.01 11.83
N ASN A 312 -19.23 -1.61 11.36
CA ASN A 312 -18.88 -1.78 9.96
C ASN A 312 -18.29 -3.17 9.82
N LYS A 313 -18.45 -3.77 8.65
CA LYS A 313 -17.89 -5.08 8.40
C LYS A 313 -17.43 -5.10 6.95
N VAL A 314 -16.30 -5.76 6.72
CA VAL A 314 -15.76 -5.90 5.38
C VAL A 314 -16.47 -7.15 4.85
N SER A 315 -17.36 -6.94 3.89
CA SER A 315 -18.13 -8.05 3.35
C SER A 315 -17.70 -8.56 1.98
N GLN A 316 -17.42 -9.85 1.93
CA GLN A 316 -17.03 -10.51 0.71
C GLN A 316 -18.23 -10.67 -0.23
N SER A 317 -18.09 -10.17 -1.44
CA SER A 317 -19.14 -10.27 -2.44
C SER A 317 -19.05 -11.64 -3.09
N GLU A 318 -20.11 -12.03 -3.79
CA GLU A 318 -20.10 -13.31 -4.50
C GLU A 318 -19.29 -13.07 -5.76
N ILE A 319 -19.13 -11.80 -6.11
CA ILE A 319 -18.39 -11.43 -7.31
C ILE A 319 -16.88 -11.62 -7.23
N THR A 320 -16.35 -12.30 -8.24
CA THR A 320 -14.92 -12.51 -8.38
C THR A 320 -14.59 -12.05 -9.80
N LEU A 321 -13.37 -11.62 -10.03
CA LEU A 321 -13.01 -11.12 -11.36
C LEU A 321 -11.73 -11.74 -11.90
N THR A 322 -11.60 -11.68 -13.22
CA THR A 322 -10.43 -12.21 -13.90
C THR A 322 -9.83 -11.08 -14.74
N VAL A 323 -8.53 -10.84 -14.59
CA VAL A 323 -7.88 -9.79 -15.38
C VAL A 323 -7.95 -10.21 -16.85
N SER A 324 -8.50 -9.35 -17.70
CA SER A 324 -8.61 -9.66 -19.12
C SER A 324 -7.57 -8.95 -19.97
N ARG A 325 -7.27 -7.69 -19.63
CA ARG A 325 -6.28 -6.90 -20.35
C ARG A 325 -5.43 -6.09 -19.37
N ILE A 326 -4.14 -6.02 -19.64
CA ILE A 326 -3.24 -5.27 -18.79
C ILE A 326 -2.58 -4.14 -19.57
N TYR A 327 -2.43 -3.00 -18.92
CA TYR A 327 -1.79 -1.82 -19.51
C TYR A 327 -0.68 -1.45 -18.54
N GLU A 328 0.13 -0.46 -18.88
CA GLU A 328 1.24 -0.08 -18.02
C GLU A 328 0.85 0.18 -16.57
N HIS A 329 -0.15 1.02 -16.35
CA HIS A 329 -0.55 1.37 -14.99
C HIS A 329 -2.02 1.14 -14.64
N GLU A 330 -2.72 0.38 -15.49
CA GLU A 330 -4.12 0.07 -15.22
C GLU A 330 -4.46 -1.28 -15.85
N ALA A 331 -5.65 -1.79 -15.55
CA ALA A 331 -6.06 -3.07 -16.08
C ALA A 331 -7.57 -3.21 -16.13
N GLU A 332 -8.05 -4.06 -17.04
CA GLU A 332 -9.47 -4.34 -17.16
C GLU A 332 -9.70 -5.76 -16.66
N LEU A 333 -10.82 -5.96 -15.97
CA LEU A 333 -11.15 -7.27 -15.43
C LEU A 333 -12.57 -7.63 -15.83
N THR A 334 -12.79 -8.91 -16.12
CA THR A 334 -14.12 -9.34 -16.49
C THR A 334 -14.76 -9.97 -15.27
N ILE A 335 -16.01 -9.58 -15.00
CA ILE A 335 -16.76 -10.11 -13.87
C ILE A 335 -17.13 -11.55 -14.16
N ASP A 336 -16.79 -12.45 -13.23
CA ASP A 336 -17.06 -13.88 -13.39
C ASP A 336 -18.55 -14.24 -13.32
N GLN A 337 -19.32 -13.43 -12.60
CA GLN A 337 -20.77 -13.63 -12.47
C GLN A 337 -21.47 -12.46 -13.08
N PRO A 338 -21.54 -12.43 -14.43
CA PRO A 338 -22.20 -11.31 -15.14
C PRO A 338 -23.61 -10.89 -14.66
N ASN A 339 -24.36 -11.83 -14.10
CA ASN A 339 -25.71 -11.47 -13.63
C ASN A 339 -25.64 -10.52 -12.46
N LEU A 340 -24.47 -10.46 -11.86
CA LEU A 340 -24.26 -9.59 -10.71
C LEU A 340 -23.51 -8.31 -11.02
N ALA A 341 -23.16 -8.17 -12.28
CA ALA A 341 -22.40 -7.01 -12.71
C ALA A 341 -22.92 -5.67 -12.18
N SER A 342 -24.24 -5.51 -12.18
CA SER A 342 -24.84 -4.27 -11.71
C SER A 342 -24.64 -3.96 -10.23
N SER A 343 -24.16 -4.93 -9.46
CA SER A 343 -23.94 -4.67 -8.05
C SER A 343 -22.58 -4.00 -7.77
N VAL A 344 -21.67 -4.11 -8.73
CA VAL A 344 -20.33 -3.51 -8.60
C VAL A 344 -20.40 -1.98 -8.65
N GLN A 345 -19.71 -1.33 -7.72
CA GLN A 345 -19.70 0.12 -7.64
C GLN A 345 -18.29 0.68 -7.60
N ILE A 346 -18.12 1.89 -8.12
CA ILE A 346 -16.82 2.55 -8.10
C ILE A 346 -16.45 2.74 -6.63
N GLY A 347 -15.24 2.36 -6.26
CA GLY A 347 -14.82 2.51 -4.89
C GLY A 347 -14.76 1.16 -4.18
N ASP A 348 -15.39 0.15 -4.76
CA ASP A 348 -15.34 -1.18 -4.15
C ASP A 348 -13.89 -1.66 -4.24
N VAL A 349 -13.44 -2.44 -3.26
CA VAL A 349 -12.07 -2.91 -3.26
C VAL A 349 -11.94 -4.36 -3.66
N ASN A 351 -8.92 -7.86 -3.78
CA ASN A 351 -7.64 -8.38 -3.33
C ASN A 351 -7.42 -9.64 -4.17
N LYS A 352 -6.18 -10.07 -4.30
CA LYS A 352 -5.86 -11.26 -5.07
C LYS A 352 -6.34 -12.52 -4.38
N ILE A 353 -6.95 -13.41 -5.15
CA ILE A 353 -7.44 -14.68 -4.61
C ILE A 353 -6.27 -15.67 -4.58
N LEU A 354 -6.09 -16.36 -3.46
CA LEU A 354 -5.00 -17.32 -3.31
C LEU A 354 -5.51 -18.75 -3.33
N HIS A 355 -4.64 -19.66 -3.78
CA HIS A 355 -4.98 -21.08 -3.84
C HIS A 355 -4.57 -21.73 -2.55
N HIS A 356 -3.26 -21.65 -2.26
CA HIS A 356 -2.70 -22.23 -1.06
C HIS A 356 -3.30 -21.67 0.22
#